data_9LGN
#
_entry.id   9LGN
#
_cell.length_a   49.450
_cell.length_b   110.405
_cell.length_c   72.019
_cell.angle_alpha   90.00
_cell.angle_beta   109.97
_cell.angle_gamma   90.00
#
_symmetry.space_group_name_H-M   'P 1 21 1'
#
loop_
_entity.id
_entity.type
_entity.pdbx_description
1 polymer 'Membrane-associated tyrosine- and threonine-specific cdc2-inhibitory kinase'
2 non-polymer 3-azanyl-4-(7-fluoranyl-2H-indazol-4-yl)-8-methoxy-1H-1,5-naphthyridin-2-one
3 non-polymer 'SULFATE ION'
4 water water
#
_entity_poly.entity_id   1
_entity_poly.type   'polypeptide(L)'
_entity_poly.pdbx_seq_one_letter_code
;ALQPRRVSFRGEASETLQSPGYDPSRPESFFQQSFQRLSRLGHGSYGEVFKVRSKEDGRLYAVKRSMSPFRGPKDRARKL
AEVGSHEKVGQHPCCVRLEQAWEEGGILYLQTELCGPSLQQHCEAWGASLPEAQVWGYLRDTLLALAHLHSQGLVHLDVK
PANIFLGPRGRCKLGDFGLLVELGTAGAGEVQEGDPRYMAPELLQGSYGTAADVFSLGLTILEVACNMELPHGGEGWQQL
RQGYLPPEFTAGLSSELRSVLVMMLEPDPKLRATAEALLALPVLRQ
;
_entity_poly.pdbx_strand_id   A,B
#
loop_
_chem_comp.id
_chem_comp.type
_chem_comp.name
_chem_comp.formula
A1EJU non-polymer 3-azanyl-4-(7-fluoranyl-2H-indazol-4-yl)-8-methoxy-1H-1,5-naphthyridin-2-one 'C16 H12 F N5 O2'
SO4 non-polymer 'SULFATE ION' 'O4 S -2'
#
# COMPACT_ATOMS: atom_id res chain seq x y z
N ALA A 1 -13.00 -36.92 12.42
CA ALA A 1 -12.83 -35.51 12.74
C ALA A 1 -13.77 -34.65 11.92
N LEU A 2 -13.86 -33.37 12.26
CA LEU A 2 -14.74 -32.44 11.55
C LEU A 2 -14.27 -32.26 10.10
N GLN A 3 -15.22 -31.94 9.23
CA GLN A 3 -14.97 -31.80 7.81
C GLN A 3 -15.71 -30.58 7.30
N PRO A 4 -15.20 -29.94 6.25
CA PRO A 4 -15.86 -28.74 5.72
C PRO A 4 -17.13 -29.05 4.95
N ARG A 5 -17.91 -28.01 4.73
CA ARG A 5 -19.15 -28.10 3.95
C ARG A 5 -19.21 -26.90 3.03
N ARG A 6 -19.34 -27.15 1.73
CA ARG A 6 -19.34 -26.05 0.78
C ARG A 6 -20.63 -25.25 0.90
N VAL A 7 -20.50 -23.93 0.95
CA VAL A 7 -21.64 -23.03 0.96
C VAL A 7 -22.00 -22.76 -0.50
N SER A 8 -23.04 -23.43 -0.99
CA SER A 8 -23.34 -23.43 -2.41
C SER A 8 -23.88 -22.09 -2.87
N PHE A 9 -23.45 -21.68 -4.06
CA PHE A 9 -23.94 -20.45 -4.68
C PHE A 9 -23.68 -20.54 -6.19
N ARG A 10 -24.64 -20.04 -6.97
CA ARG A 10 -24.48 -20.04 -8.42
C ARG A 10 -23.28 -19.19 -8.82
N GLY A 11 -22.44 -19.74 -9.69
CA GLY A 11 -21.28 -19.05 -10.19
C GLY A 11 -19.97 -19.41 -9.53
N GLU A 12 -19.95 -20.42 -8.66
CA GLU A 12 -18.71 -20.81 -8.01
C GLU A 12 -17.80 -21.54 -8.99
N ALA A 13 -16.49 -21.39 -8.79
CA ALA A 13 -15.49 -21.95 -9.68
C ALA A 13 -15.32 -23.45 -9.54
N SER A 14 -15.87 -24.04 -8.48
CA SER A 14 -15.71 -25.48 -8.26
C SER A 14 -16.87 -25.98 -7.41
N GLU A 15 -17.69 -26.87 -7.96
CA GLU A 15 -18.74 -27.52 -7.21
C GLU A 15 -18.24 -28.74 -6.44
N THR A 16 -16.93 -28.98 -6.43
CA THR A 16 -16.36 -30.05 -5.63
C THR A 16 -16.17 -29.58 -4.19
N LEU A 17 -16.45 -30.48 -3.24
CA LEU A 17 -16.37 -30.11 -1.83
C LEU A 17 -14.94 -29.77 -1.42
N GLN A 18 -13.96 -30.52 -1.90
CA GLN A 18 -12.59 -30.37 -1.45
C GLN A 18 -11.63 -30.51 -2.63
N SER A 19 -10.36 -30.20 -2.36
CA SER A 19 -9.19 -30.33 -3.23
C SER A 19 -8.48 -31.64 -2.93
N PRO A 20 -7.78 -32.20 -3.92
CA PRO A 20 -7.11 -33.49 -3.70
C PRO A 20 -6.07 -33.47 -2.59
N GLY A 21 -5.49 -32.31 -2.28
CA GLY A 21 -4.51 -32.22 -1.22
C GLY A 21 -5.09 -32.32 0.18
N TYR A 22 -6.41 -32.30 0.32
CA TYR A 22 -7.06 -32.33 1.62
C TYR A 22 -7.24 -33.76 2.07
N ASP A 23 -6.71 -34.09 3.25
CA ASP A 23 -6.87 -35.39 3.87
C ASP A 23 -7.81 -35.27 5.06
N PRO A 24 -9.03 -35.82 4.99
CA PRO A 24 -9.98 -35.64 6.10
C PRO A 24 -9.57 -36.32 7.40
N SER A 25 -8.48 -37.10 7.40
CA SER A 25 -8.07 -37.81 8.61
C SER A 25 -7.24 -36.93 9.54
N ARG A 26 -6.60 -35.89 8.99
CA ARG A 26 -5.75 -35.05 9.81
C ARG A 26 -6.60 -34.16 10.71
N PRO A 27 -6.06 -33.74 11.86
CA PRO A 27 -6.79 -32.78 12.71
C PRO A 27 -6.75 -31.35 12.21
N GLU A 28 -6.02 -31.05 11.13
CA GLU A 28 -5.96 -29.70 10.60
C GLU A 28 -7.18 -29.42 9.74
N SER A 29 -7.57 -28.15 9.71
CA SER A 29 -8.74 -27.74 8.96
C SER A 29 -8.47 -27.76 7.46
N PHE A 30 -9.55 -27.76 6.68
CA PHE A 30 -9.42 -27.64 5.23
C PHE A 30 -8.67 -26.38 4.85
N PHE A 31 -8.83 -25.30 5.62
CA PHE A 31 -8.08 -24.08 5.39
C PHE A 31 -6.59 -24.30 5.59
N GLN A 32 -6.22 -24.96 6.70
CA GLN A 32 -4.80 -25.16 6.99
C GLN A 32 -4.18 -26.18 6.04
N GLN A 33 -4.96 -27.09 5.49
CA GLN A 33 -4.42 -28.13 4.63
C GLN A 33 -4.36 -27.72 3.17
N SER A 34 -5.35 -26.99 2.69
CA SER A 34 -5.45 -26.65 1.27
C SER A 34 -4.89 -25.26 0.95
N PHE A 35 -4.30 -24.58 1.92
CA PHE A 35 -3.82 -23.22 1.72
C PHE A 35 -2.54 -22.97 2.48
N GLN A 36 -1.53 -22.48 1.77
CA GLN A 36 -0.32 -21.94 2.40
C GLN A 36 -0.59 -20.48 2.73
N ARG A 37 -0.68 -20.16 4.01
CA ARG A 37 -0.87 -18.78 4.42
C ARG A 37 0.37 -17.95 4.09
N LEU A 38 0.16 -16.66 3.90
CA LEU A 38 1.26 -15.74 3.61
C LEU A 38 1.28 -14.58 4.58
N SER A 39 0.22 -13.77 4.58
CA SER A 39 0.19 -12.58 5.42
C SER A 39 -1.27 -12.23 5.74
N ARG A 40 -1.44 -11.47 6.81
CA ARG A 40 -2.76 -11.02 7.24
C ARG A 40 -3.06 -9.67 6.59
N LEU A 41 -4.15 -9.61 5.82
CA LEU A 41 -4.53 -8.38 5.15
C LEU A 41 -5.35 -7.45 6.02
N GLY A 42 -6.12 -7.99 6.95
CA GLY A 42 -6.89 -7.16 7.86
C GLY A 42 -7.59 -8.02 8.90
N HIS A 43 -7.98 -7.37 9.99
CA HIS A 43 -8.73 -8.03 11.04
C HIS A 43 -9.72 -7.04 11.64
N GLY A 44 -10.53 -7.55 12.57
CA GLY A 44 -11.53 -6.73 13.23
C GLY A 44 -12.65 -7.62 13.75
N SER A 45 -13.81 -6.99 13.98
CA SER A 45 -14.98 -7.75 14.38
C SER A 45 -15.44 -8.71 13.29
N TYR A 46 -15.19 -8.37 12.02
CA TYR A 46 -15.59 -9.20 10.90
C TYR A 46 -14.75 -10.46 10.76
N GLY A 47 -13.66 -10.59 11.54
CA GLY A 47 -12.81 -11.75 11.51
C GLY A 47 -11.39 -11.38 11.09
N GLU A 48 -10.84 -12.17 10.17
CA GLU A 48 -9.50 -11.94 9.64
CA GLU A 48 -9.48 -11.98 9.65
C GLU A 48 -9.48 -12.26 8.16
N VAL A 49 -8.62 -11.56 7.43
CA VAL A 49 -8.45 -11.75 6.00
C VAL A 49 -6.97 -12.05 5.74
N PHE A 50 -6.70 -13.21 5.16
CA PHE A 50 -5.34 -13.66 4.91
C PHE A 50 -5.05 -13.68 3.42
N LYS A 51 -3.87 -13.20 3.04
CA LYS A 51 -3.35 -13.47 1.71
C LYS A 51 -2.81 -14.89 1.69
N VAL A 52 -3.35 -15.73 0.81
CA VAL A 52 -3.00 -17.14 0.80
C VAL A 52 -2.60 -17.57 -0.60
N ARG A 53 -1.78 -18.61 -0.68
CA ARG A 53 -1.55 -19.37 -1.90
C ARG A 53 -2.16 -20.75 -1.69
N SER A 54 -3.01 -21.17 -2.61
CA SER A 54 -3.62 -22.49 -2.51
C SER A 54 -2.54 -23.56 -2.61
N LYS A 55 -2.62 -24.56 -1.73
CA LYS A 55 -1.76 -25.73 -1.86
C LYS A 55 -2.25 -26.68 -2.93
N GLU A 56 -3.24 -26.26 -3.71
CA GLU A 56 -3.78 -27.03 -4.82
C GLU A 56 -3.37 -26.48 -6.17
N ASP A 57 -3.52 -25.17 -6.39
CA ASP A 57 -3.13 -24.56 -7.66
C ASP A 57 -2.01 -23.55 -7.53
N GLY A 58 -1.54 -23.26 -6.31
CA GLY A 58 -0.56 -22.22 -6.08
C GLY A 58 -0.99 -20.81 -6.41
N ARG A 59 -2.17 -20.60 -6.99
CA ARG A 59 -2.67 -19.26 -7.27
C ARG A 59 -2.86 -18.47 -5.97
N LEU A 60 -2.87 -17.15 -6.10
CA LEU A 60 -2.99 -16.24 -4.98
C LEU A 60 -4.45 -15.85 -4.81
N TYR A 61 -4.99 -16.08 -3.63
CA TYR A 61 -6.34 -15.68 -3.28
C TYR A 61 -6.31 -14.95 -1.95
N ALA A 62 -7.45 -14.39 -1.57
CA ALA A 62 -7.66 -13.79 -0.27
C ALA A 62 -8.81 -14.52 0.41
N VAL A 63 -8.57 -15.00 1.63
CA VAL A 63 -9.57 -15.77 2.36
C VAL A 63 -9.92 -15.01 3.63
N LYS A 64 -11.23 -14.83 3.87
CA LYS A 64 -11.76 -14.21 5.07
C LYS A 64 -12.47 -15.25 5.90
N ARG A 65 -12.18 -15.30 7.21
CA ARG A 65 -12.88 -16.19 8.11
C ARG A 65 -13.44 -15.39 9.28
N SER A 66 -14.55 -15.89 9.83
CA SER A 66 -15.18 -15.22 10.97
C SER A 66 -14.41 -15.50 12.24
N MET A 67 -14.54 -14.58 13.21
CA MET A 67 -13.74 -14.65 14.43
C MET A 67 -14.13 -15.84 15.29
N SER A 68 -15.40 -15.92 15.66
CA SER A 68 -15.90 -16.94 16.57
C SER A 68 -16.87 -17.88 15.88
N PRO A 69 -17.05 -19.09 16.39
CA PRO A 69 -18.07 -19.99 15.83
C PRO A 69 -19.46 -19.40 15.91
N PHE A 70 -20.38 -20.00 15.14
CA PHE A 70 -21.72 -19.45 15.01
C PHE A 70 -22.43 -19.39 16.35
N ARG A 71 -22.92 -18.20 16.68
CA ARG A 71 -23.68 -18.02 17.92
C ARG A 71 -25.03 -18.74 17.86
N GLY A 72 -25.61 -18.86 16.67
CA GLY A 72 -26.88 -19.53 16.51
C GLY A 72 -27.35 -19.48 15.07
N PRO A 73 -28.61 -19.90 14.83
CA PRO A 73 -29.12 -19.89 13.45
C PRO A 73 -29.19 -18.50 12.84
N LYS A 74 -29.66 -17.51 13.60
CA LYS A 74 -29.69 -16.15 13.07
C LYS A 74 -28.28 -15.63 12.79
N ASP A 75 -27.34 -15.89 13.68
CA ASP A 75 -25.96 -15.47 13.43
C ASP A 75 -25.38 -16.18 12.22
N ARG A 76 -25.69 -17.46 12.06
CA ARG A 76 -25.20 -18.22 10.90
C ARG A 76 -25.80 -17.67 9.60
N ALA A 77 -27.11 -17.45 9.59
CA ALA A 77 -27.75 -16.90 8.38
C ALA A 77 -27.24 -15.50 8.07
N ARG A 78 -26.92 -14.71 9.09
CA ARG A 78 -26.40 -13.38 8.84
C ARG A 78 -25.03 -13.44 8.19
N LYS A 79 -24.16 -14.34 8.66
CA LYS A 79 -22.84 -14.47 8.05
C LYS A 79 -22.93 -15.12 6.68
N LEU A 80 -23.79 -16.13 6.52
CA LEU A 80 -23.94 -16.78 5.22
C LEU A 80 -24.59 -15.86 4.18
N ALA A 81 -25.25 -14.79 4.63
CA ALA A 81 -25.92 -13.90 3.68
C ALA A 81 -24.92 -13.22 2.74
N GLU A 82 -23.68 -13.01 3.21
CA GLU A 82 -22.67 -12.38 2.36
C GLU A 82 -22.35 -13.25 1.15
N VAL A 83 -22.40 -14.58 1.31
CA VAL A 83 -22.18 -15.46 0.17
C VAL A 83 -23.32 -15.33 -0.82
N GLY A 84 -24.57 -15.31 -0.33
CA GLY A 84 -25.70 -15.10 -1.21
C GLY A 84 -25.67 -13.76 -1.91
N SER A 85 -25.16 -12.73 -1.23
CA SER A 85 -25.06 -11.42 -1.86
C SER A 85 -24.04 -11.42 -2.99
N HIS A 86 -22.92 -12.12 -2.82
CA HIS A 86 -21.96 -12.28 -3.90
C HIS A 86 -22.58 -12.99 -5.10
N GLU A 87 -23.44 -13.98 -4.83
CA GLU A 87 -24.09 -14.72 -5.90
C GLU A 87 -25.06 -13.84 -6.69
N LYS A 88 -25.72 -12.90 -6.01
CA LYS A 88 -26.66 -12.02 -6.70
C LYS A 88 -25.92 -10.97 -7.52
N VAL A 89 -24.78 -10.49 -7.01
CA VAL A 89 -24.00 -9.52 -7.76
C VAL A 89 -23.46 -10.15 -9.05
N GLY A 90 -23.02 -11.40 -8.97
CA GLY A 90 -22.47 -12.06 -10.14
C GLY A 90 -21.06 -11.60 -10.44
N GLN A 91 -20.64 -11.84 -11.68
CA GLN A 91 -19.29 -11.50 -12.13
C GLN A 91 -19.32 -10.21 -12.92
N HIS A 92 -18.46 -9.27 -12.53
CA HIS A 92 -18.34 -7.97 -13.17
C HIS A 92 -16.90 -7.52 -12.94
N PRO A 93 -16.26 -6.91 -13.93
CA PRO A 93 -14.85 -6.52 -13.77
C PRO A 93 -14.62 -5.55 -12.62
N CYS A 94 -15.64 -4.83 -12.19
CA CYS A 94 -15.52 -3.83 -11.13
C CYS A 94 -16.03 -4.34 -9.79
N CYS A 95 -16.18 -5.65 -9.64
CA CYS A 95 -16.64 -6.24 -8.39
C CYS A 95 -15.72 -7.39 -8.00
N VAL A 96 -15.39 -7.46 -6.71
CA VAL A 96 -14.50 -8.50 -6.21
C VAL A 96 -15.15 -9.86 -6.46
N ARG A 97 -14.45 -10.73 -7.18
CA ARG A 97 -14.99 -12.03 -7.55
C ARG A 97 -14.89 -13.01 -6.38
N LEU A 98 -15.98 -13.70 -6.08
CA LEU A 98 -15.99 -14.75 -5.07
C LEU A 98 -15.69 -16.08 -5.76
N GLU A 99 -14.65 -16.77 -5.29
CA GLU A 99 -14.27 -18.05 -5.88
C GLU A 99 -15.08 -19.19 -5.28
N GLN A 100 -15.00 -19.38 -3.97
CA GLN A 100 -15.76 -20.43 -3.31
C GLN A 100 -15.87 -20.10 -1.84
N ALA A 101 -16.93 -20.60 -1.21
CA ALA A 101 -17.17 -20.40 0.20
C ALA A 101 -17.49 -21.74 0.86
N TRP A 102 -17.11 -21.86 2.13
CA TRP A 102 -17.38 -23.09 2.88
C TRP A 102 -17.43 -22.75 4.36
N GLU A 103 -17.78 -23.75 5.16
CA GLU A 103 -17.86 -23.61 6.60
C GLU A 103 -17.29 -24.87 7.25
N GLU A 104 -16.63 -24.69 8.39
CA GLU A 104 -16.06 -25.81 9.12
C GLU A 104 -15.90 -25.39 10.58
N GLY A 105 -16.44 -26.20 11.49
CA GLY A 105 -16.35 -25.90 12.90
C GLY A 105 -17.05 -24.61 13.31
N GLY A 106 -18.10 -24.23 12.59
CA GLY A 106 -18.80 -23.00 12.87
C GLY A 106 -18.19 -21.77 12.25
N ILE A 107 -17.00 -21.87 11.67
CA ILE A 107 -16.32 -20.75 11.05
C ILE A 107 -16.69 -20.71 9.58
N LEU A 108 -17.01 -19.53 9.07
CA LEU A 108 -17.32 -19.33 7.66
C LEU A 108 -16.10 -18.79 6.94
N TYR A 109 -15.71 -19.44 5.84
CA TYR A 109 -14.60 -19.02 5.02
C TYR A 109 -15.09 -18.55 3.66
N LEU A 110 -14.56 -17.42 3.19
CA LEU A 110 -14.85 -16.90 1.86
C LEU A 110 -13.54 -16.70 1.12
N GLN A 111 -13.42 -17.34 -0.03
CA GLN A 111 -12.21 -17.28 -0.85
C GLN A 111 -12.51 -16.40 -2.07
N THR A 112 -11.83 -15.26 -2.16
CA THR A 112 -12.02 -14.34 -3.27
C THR A 112 -10.71 -14.20 -4.03
N GLU A 113 -10.78 -13.48 -5.15
CA GLU A 113 -9.57 -13.10 -5.86
C GLU A 113 -8.76 -12.15 -5.00
N LEU A 114 -7.44 -12.22 -5.12
CA LEU A 114 -6.56 -11.31 -4.40
C LEU A 114 -6.57 -9.96 -5.11
N CYS A 115 -7.02 -8.92 -4.41
CA CYS A 115 -7.02 -7.57 -4.94
C CYS A 115 -5.82 -6.81 -4.37
N GLY A 116 -5.68 -5.56 -4.80
CA GLY A 116 -4.61 -4.72 -4.32
C GLY A 116 -4.95 -4.12 -2.97
N PRO A 117 -4.20 -3.09 -2.57
CA PRO A 117 -4.53 -2.40 -1.32
C PRO A 117 -5.89 -1.73 -1.40
N SER A 118 -6.54 -1.60 -0.25
CA SER A 118 -7.82 -0.90 -0.21
C SER A 118 -7.61 0.57 -0.50
N LEU A 119 -8.68 1.23 -0.93
CA LEU A 119 -8.60 2.66 -1.18
C LEU A 119 -8.25 3.42 0.09
N GLN A 120 -8.59 2.88 1.26
CA GLN A 120 -8.19 3.49 2.51
C GLN A 120 -6.69 3.35 2.73
N GLN A 121 -6.16 2.15 2.54
CA GLN A 121 -4.73 1.94 2.69
C GLN A 121 -3.93 2.77 1.69
N HIS A 122 -4.44 2.90 0.46
CA HIS A 122 -3.73 3.67 -0.54
C HIS A 122 -3.61 5.13 -0.16
N CYS A 123 -4.66 5.69 0.47
CA CYS A 123 -4.58 7.08 0.91
C CYS A 123 -3.67 7.24 2.12
N GLU A 124 -3.69 6.27 3.04
CA GLU A 124 -2.79 6.32 4.19
C GLU A 124 -1.34 6.31 3.73
N ALA A 125 -1.03 5.55 2.68
CA ALA A 125 0.34 5.46 2.18
C ALA A 125 0.80 6.80 1.64
N TRP A 126 -0.02 7.44 0.82
CA TRP A 126 0.36 8.73 0.25
C TRP A 126 0.23 9.87 1.25
N GLY A 127 -0.60 9.72 2.28
CA GLY A 127 -0.65 10.69 3.37
C GLY A 127 -1.02 12.09 2.95
N ALA A 128 -1.74 12.24 1.85
CA ALA A 128 -2.16 13.55 1.37
C ALA A 128 -3.37 13.37 0.47
N SER A 129 -3.80 14.45 -0.17
CA SER A 129 -4.93 14.38 -1.09
C SER A 129 -4.51 13.65 -2.36
N LEU A 130 -5.29 12.66 -2.75
CA LEU A 130 -5.02 11.95 -4.00
C LEU A 130 -5.20 12.91 -5.17
N PRO A 131 -4.28 12.94 -6.13
CA PRO A 131 -4.45 13.80 -7.30
C PRO A 131 -5.73 13.46 -8.04
N GLU A 132 -6.37 14.49 -8.61
CA GLU A 132 -7.67 14.31 -9.24
C GLU A 132 -7.63 13.30 -10.39
N ALA A 133 -6.49 13.12 -11.03
CA ALA A 133 -6.39 12.15 -12.12
C ALA A 133 -6.80 10.75 -11.66
N GLN A 134 -6.19 10.26 -10.59
CA GLN A 134 -6.55 8.94 -10.08
C GLN A 134 -7.97 8.92 -9.55
N VAL A 135 -8.46 10.05 -9.03
CA VAL A 135 -9.78 10.07 -8.39
C VAL A 135 -10.88 9.75 -9.39
N TRP A 136 -10.77 10.28 -10.61
CA TRP A 136 -11.78 10.01 -11.63
C TRP A 136 -11.79 8.52 -12.01
N GLY A 137 -10.62 7.90 -12.07
CA GLY A 137 -10.58 6.48 -12.40
C GLY A 137 -11.30 5.63 -11.38
N TYR A 138 -11.01 5.85 -10.10
CA TYR A 138 -11.68 5.09 -9.05
C TYR A 138 -13.16 5.44 -8.99
N LEU A 139 -13.50 6.70 -9.24
CA LEU A 139 -14.89 7.11 -9.25
C LEU A 139 -15.65 6.42 -10.38
N ARG A 140 -15.06 6.36 -11.58
CA ARG A 140 -15.73 5.71 -12.70
C ARG A 140 -15.88 4.21 -12.44
N ASP A 141 -14.81 3.56 -11.97
CA ASP A 141 -14.87 2.12 -11.74
C ASP A 141 -15.90 1.77 -10.67
N THR A 142 -16.00 2.59 -9.63
CA THR A 142 -16.97 2.29 -8.58
C THR A 142 -18.40 2.55 -9.04
N LEU A 143 -18.59 3.60 -9.85
CA LEU A 143 -19.90 3.83 -10.44
C LEU A 143 -20.29 2.69 -11.39
N LEU A 144 -19.31 2.14 -12.12
CA LEU A 144 -19.58 0.97 -12.94
C LEU A 144 -20.10 -0.20 -12.09
N ALA A 145 -19.48 -0.42 -10.93
CA ALA A 145 -19.95 -1.48 -10.04
C ALA A 145 -21.34 -1.15 -9.51
N LEU A 146 -21.53 0.09 -9.05
CA LEU A 146 -22.84 0.46 -8.50
C LEU A 146 -23.92 0.34 -9.56
N ALA A 147 -23.63 0.80 -10.78
CA ALA A 147 -24.59 0.65 -11.86
C ALA A 147 -24.93 -0.82 -12.13
N HIS A 148 -23.95 -1.71 -11.93
CA HIS A 148 -24.22 -3.14 -12.08
C HIS A 148 -25.07 -3.66 -10.92
N LEU A 149 -24.75 -3.25 -9.69
CA LEU A 149 -25.54 -3.69 -8.54
C LEU A 149 -26.94 -3.11 -8.58
N HIS A 150 -27.06 -1.81 -8.86
CA HIS A 150 -28.37 -1.16 -8.85
C HIS A 150 -29.26 -1.62 -9.99
N SER A 151 -28.68 -2.09 -11.11
CA SER A 151 -29.50 -2.62 -12.19
C SER A 151 -30.24 -3.90 -11.80
N GLN A 152 -29.76 -4.59 -10.76
CA GLN A 152 -30.40 -5.80 -10.26
C GLN A 152 -31.18 -5.56 -8.98
N GLY A 153 -31.50 -4.31 -8.66
CA GLY A 153 -32.19 -4.02 -7.43
C GLY A 153 -31.39 -4.28 -6.17
N LEU A 154 -30.07 -4.24 -6.27
CA LEU A 154 -29.19 -4.47 -5.13
C LEU A 154 -28.60 -3.14 -4.68
N VAL A 155 -28.56 -2.95 -3.36
N VAL A 155 -28.57 -2.93 -3.37
CA VAL A 155 -27.99 -1.76 -2.74
CA VAL A 155 -27.97 -1.74 -2.79
C VAL A 155 -26.85 -2.23 -1.85
C VAL A 155 -26.86 -2.19 -1.85
N HIS A 156 -25.65 -1.67 -2.07
CA HIS A 156 -24.48 -2.13 -1.32
C HIS A 156 -24.58 -1.74 0.16
N LEU A 157 -24.95 -0.49 0.44
CA LEU A 157 -25.13 0.05 1.78
C LEU A 157 -23.82 0.09 2.58
N ASP A 158 -22.67 0.00 1.93
CA ASP A 158 -21.41 0.14 2.64
C ASP A 158 -20.29 0.58 1.70
N VAL A 159 -20.54 1.62 0.93
CA VAL A 159 -19.54 2.16 0.01
C VAL A 159 -18.65 3.11 0.81
N LYS A 160 -17.38 2.74 0.95
CA LYS A 160 -16.40 3.55 1.65
C LYS A 160 -15.02 3.10 1.24
N PRO A 161 -13.98 3.92 1.47
CA PRO A 161 -12.64 3.55 0.97
C PRO A 161 -12.15 2.19 1.42
N ALA A 162 -12.58 1.71 2.60
CA ALA A 162 -12.14 0.42 3.07
C ALA A 162 -12.73 -0.73 2.27
N ASN A 163 -13.80 -0.48 1.51
CA ASN A 163 -14.45 -1.52 0.72
C ASN A 163 -14.17 -1.38 -0.78
N ILE A 164 -13.27 -0.49 -1.17
CA ILE A 164 -12.82 -0.36 -2.56
C ILE A 164 -11.36 -0.79 -2.61
N PHE A 165 -11.04 -1.70 -3.52
CA PHE A 165 -9.72 -2.32 -3.57
C PHE A 165 -9.07 -2.03 -4.92
N LEU A 166 -7.80 -1.63 -4.88
CA LEU A 166 -7.10 -1.25 -6.10
C LEU A 166 -6.88 -2.45 -7.02
N GLY A 167 -7.04 -2.22 -8.32
CA GLY A 167 -6.75 -3.22 -9.30
C GLY A 167 -5.54 -2.85 -10.12
N PRO A 168 -5.12 -3.71 -11.04
CA PRO A 168 -3.96 -3.41 -11.87
C PRO A 168 -4.25 -2.25 -12.81
N ARG A 169 -3.18 -1.51 -13.12
CA ARG A 169 -3.26 -0.36 -14.02
C ARG A 169 -4.29 0.66 -13.57
N GLY A 170 -4.32 0.94 -12.27
CA GLY A 170 -5.13 2.03 -11.76
C GLY A 170 -6.62 1.76 -11.65
N ARG A 171 -7.07 0.53 -11.88
CA ARG A 171 -8.47 0.20 -11.72
C ARG A 171 -8.76 -0.15 -10.26
N CYS A 172 -10.04 -0.39 -9.96
CA CYS A 172 -10.42 -0.80 -8.62
C CYS A 172 -11.75 -1.53 -8.71
N LYS A 173 -12.10 -2.23 -7.64
CA LYS A 173 -13.30 -3.06 -7.60
C LYS A 173 -14.03 -2.84 -6.29
N LEU A 174 -15.34 -2.66 -6.36
CA LEU A 174 -16.16 -2.59 -5.15
C LEU A 174 -16.19 -3.95 -4.48
N GLY A 175 -16.21 -3.93 -3.14
CA GLY A 175 -16.14 -5.15 -2.37
C GLY A 175 -16.94 -5.13 -1.08
N ASP A 176 -16.74 -6.17 -0.27
CA ASP A 176 -17.46 -6.37 0.99
C ASP A 176 -18.96 -6.25 0.79
N PHE A 177 -19.61 -7.34 0.38
CA PHE A 177 -21.05 -7.36 0.16
C PHE A 177 -21.78 -7.95 1.37
N GLY A 178 -21.22 -7.80 2.55
CA GLY A 178 -21.86 -8.33 3.75
C GLY A 178 -23.07 -7.55 4.17
N LEU A 179 -23.18 -6.29 3.75
CA LEU A 179 -24.34 -5.46 4.08
C LEU A 179 -25.31 -5.31 2.92
N LEU A 180 -24.94 -5.75 1.73
CA LEU A 180 -25.80 -5.62 0.56
C LEU A 180 -27.15 -6.28 0.81
N VAL A 181 -28.23 -5.59 0.45
CA VAL A 181 -29.56 -6.14 0.53
C VAL A 181 -30.22 -5.99 -0.83
N GLU A 182 -31.18 -6.88 -1.11
CA GLU A 182 -31.94 -6.85 -2.35
C GLU A 182 -33.29 -6.21 -2.09
N LEU A 183 -33.66 -5.24 -2.91
CA LEU A 183 -34.92 -4.53 -2.74
C LEU A 183 -36.09 -5.41 -3.15
N GLY A 184 -37.07 -5.54 -2.27
CA GLY A 184 -38.25 -6.36 -2.52
C GLY A 184 -38.40 -7.52 -1.56
N GLU A 190 -33.06 -7.72 7.52
CA GLU A 190 -32.29 -7.82 6.29
C GLU A 190 -31.23 -6.73 6.20
N VAL A 191 -31.54 -5.56 6.74
CA VAL A 191 -30.66 -4.39 6.70
C VAL A 191 -29.93 -4.30 8.03
N GLN A 192 -28.62 -4.08 7.98
CA GLN A 192 -27.78 -4.00 9.15
C GLN A 192 -27.24 -2.58 9.33
N GLU A 193 -26.62 -2.35 10.48
CA GLU A 193 -26.09 -1.03 10.81
C GLU A 193 -24.91 -0.70 9.90
N GLY A 194 -25.03 0.39 9.13
CA GLY A 194 -23.94 0.86 8.31
C GLY A 194 -23.06 1.87 9.04
N ASP A 195 -22.09 2.40 8.30
CA ASP A 195 -21.18 3.39 8.87
C ASP A 195 -21.84 4.76 8.81
N PRO A 196 -22.02 5.44 9.95
CA PRO A 196 -22.68 6.75 9.92
C PRO A 196 -21.88 7.81 9.18
N ARG A 197 -20.56 7.67 9.07
CA ARG A 197 -19.77 8.69 8.38
C ARG A 197 -20.16 8.79 6.92
N TYR A 198 -20.52 7.67 6.30
CA TYR A 198 -20.85 7.62 4.88
C TYR A 198 -22.34 7.43 4.64
N MET A 199 -23.15 7.56 5.68
CA MET A 199 -24.57 7.24 5.60
C MET A 199 -25.33 8.35 4.87
N ALA A 200 -26.13 7.96 3.88
CA ALA A 200 -27.00 8.91 3.21
C ALA A 200 -28.02 9.45 4.20
N PRO A 201 -28.42 10.71 4.08
CA PRO A 201 -29.27 11.32 5.10
C PRO A 201 -30.64 10.68 5.19
N GLU A 202 -31.17 10.15 4.09
CA GLU A 202 -32.51 9.58 4.13
C GLU A 202 -32.56 8.19 4.78
N LEU A 203 -31.40 7.60 5.09
CA LEU A 203 -31.42 6.31 5.78
C LEU A 203 -31.89 6.46 7.22
N LEU A 204 -31.70 7.65 7.82
CA LEU A 204 -32.22 7.88 9.16
C LEU A 204 -33.74 7.90 9.17
N GLN A 205 -34.37 8.25 8.04
CA GLN A 205 -35.81 8.22 7.90
C GLN A 205 -36.32 6.87 7.42
N GLY A 206 -35.47 5.86 7.38
CA GLY A 206 -35.89 4.53 6.97
C GLY A 206 -36.20 4.41 5.50
N SER A 207 -35.57 5.22 4.66
CA SER A 207 -35.80 5.22 3.22
C SER A 207 -34.58 4.57 2.56
N TYR A 208 -34.67 3.26 2.35
CA TYR A 208 -33.57 2.49 1.79
C TYR A 208 -33.76 2.36 0.28
N GLY A 209 -32.76 2.77 -0.48
CA GLY A 209 -32.82 2.67 -1.93
C GLY A 209 -31.42 2.74 -2.51
N THR A 210 -31.35 2.55 -3.82
CA THR A 210 -30.07 2.57 -4.50
C THR A 210 -29.42 3.95 -4.43
N ALA A 211 -30.20 5.01 -4.24
CA ALA A 211 -29.64 6.34 -4.13
C ALA A 211 -28.71 6.47 -2.93
N ALA A 212 -28.90 5.65 -1.90
CA ALA A 212 -28.02 5.73 -0.73
C ALA A 212 -26.57 5.41 -1.09
N ASP A 213 -26.35 4.49 -2.02
CA ASP A 213 -24.99 4.16 -2.42
C ASP A 213 -24.32 5.32 -3.15
N VAL A 214 -25.09 6.08 -3.94
CA VAL A 214 -24.51 7.22 -4.65
C VAL A 214 -24.04 8.28 -3.67
N PHE A 215 -24.78 8.46 -2.57
CA PHE A 215 -24.35 9.44 -1.57
C PHE A 215 -23.10 8.97 -0.85
N SER A 216 -23.03 7.69 -0.50
CA SER A 216 -21.85 7.17 0.18
C SER A 216 -20.61 7.30 -0.70
N LEU A 217 -20.77 7.10 -2.01
CA LEU A 217 -19.64 7.26 -2.91
C LEU A 217 -19.21 8.72 -3.01
N GLY A 218 -20.16 9.65 -2.92
CA GLY A 218 -19.81 11.07 -2.94
C GLY A 218 -18.95 11.47 -1.75
N LEU A 219 -19.33 11.00 -0.56
CA LEU A 219 -18.48 11.24 0.61
C LEU A 219 -17.15 10.49 0.49
N THR A 220 -17.16 9.28 -0.08
CA THR A 220 -15.92 8.54 -0.30
C THR A 220 -14.95 9.32 -1.18
N ILE A 221 -15.46 9.91 -2.27
CA ILE A 221 -14.62 10.74 -3.12
C ILE A 221 -14.18 11.98 -2.38
N LEU A 222 -15.10 12.61 -1.64
CA LEU A 222 -14.75 13.82 -0.90
C LEU A 222 -13.68 13.54 0.14
N GLU A 223 -13.68 12.33 0.72
CA GLU A 223 -12.68 11.99 1.72
C GLU A 223 -11.31 11.79 1.09
N VAL A 224 -11.24 11.05 -0.02
CA VAL A 224 -9.95 10.73 -0.61
C VAL A 224 -9.39 11.91 -1.39
N ALA A 225 -10.24 12.75 -1.96
CA ALA A 225 -9.78 13.88 -2.77
C ALA A 225 -9.40 15.10 -1.95
N CYS A 226 -9.89 15.21 -0.71
CA CYS A 226 -9.59 16.35 0.15
C CYS A 226 -8.77 16.01 1.37
N ASN A 227 -8.53 14.72 1.63
CA ASN A 227 -7.76 14.27 2.78
C ASN A 227 -8.37 14.76 4.09
N MET A 228 -9.69 14.71 4.17
CA MET A 228 -10.43 15.12 5.36
C MET A 228 -11.07 13.91 6.03
N GLU A 229 -11.30 14.03 7.33
CA GLU A 229 -11.93 12.97 8.11
C GLU A 229 -13.42 13.25 8.23
N LEU A 230 -14.23 12.27 7.87
CA LEU A 230 -15.67 12.46 7.91
C LEU A 230 -16.18 12.29 9.33
N PRO A 231 -17.09 13.16 9.78
CA PRO A 231 -17.56 13.09 11.17
C PRO A 231 -18.53 11.94 11.37
N HIS A 232 -18.55 11.44 12.61
CA HIS A 232 -19.48 10.39 12.98
C HIS A 232 -20.88 10.93 13.25
N GLY A 233 -20.97 12.12 13.81
CA GLY A 233 -22.27 12.71 14.10
C GLY A 233 -22.13 14.18 14.41
N GLY A 234 -23.14 14.71 15.09
CA GLY A 234 -23.06 16.09 15.51
C GLY A 234 -23.22 17.07 14.35
N GLU A 235 -22.74 18.28 14.61
CA GLU A 235 -22.95 19.38 13.66
C GLU A 235 -22.20 19.15 12.36
N GLY A 236 -20.97 18.65 12.44
CA GLY A 236 -20.23 18.38 11.21
C GLY A 236 -20.90 17.36 10.33
N TRP A 237 -21.63 16.40 10.91
CA TRP A 237 -22.34 15.41 10.13
C TRP A 237 -23.50 16.05 9.37
N GLN A 238 -24.21 16.96 10.01
CA GLN A 238 -25.35 17.62 9.36
C GLN A 238 -24.90 18.52 8.21
N GLN A 239 -23.74 19.15 8.36
CA GLN A 239 -23.29 20.12 7.36
C GLN A 239 -22.94 19.47 6.03
N LEU A 240 -22.44 18.23 6.06
CA LEU A 240 -22.18 17.51 4.82
C LEU A 240 -23.43 16.98 4.16
N ARG A 241 -24.62 17.27 4.71
CA ARG A 241 -25.86 16.70 4.20
C ARG A 241 -26.93 17.78 4.03
N GLN A 242 -26.51 19.01 3.73
CA GLN A 242 -27.43 20.11 3.49
C GLN A 242 -27.50 20.51 2.03
N GLY A 243 -26.74 19.85 1.15
CA GLY A 243 -26.73 20.13 -0.27
C GLY A 243 -25.46 20.79 -0.75
N TYR A 244 -24.84 21.62 0.08
CA TYR A 244 -23.58 22.27 -0.29
C TYR A 244 -22.39 21.44 0.17
N LEU A 245 -21.20 21.89 -0.21
CA LEU A 245 -19.96 21.23 0.09
C LEU A 245 -19.19 21.99 1.16
N PRO A 246 -18.24 21.34 1.85
CA PRO A 246 -17.42 22.05 2.83
C PRO A 246 -16.47 23.03 2.15
N PRO A 247 -16.73 24.33 2.26
CA PRO A 247 -15.90 25.30 1.54
C PRO A 247 -14.43 25.24 1.92
N GLU A 248 -14.13 24.87 3.17
CA GLU A 248 -12.74 24.74 3.60
C GLU A 248 -12.00 23.73 2.74
N PHE A 249 -12.49 22.49 2.71
CA PHE A 249 -11.80 21.41 2.03
C PHE A 249 -12.11 21.31 0.54
N THR A 250 -13.23 21.87 0.09
CA THR A 250 -13.57 21.77 -1.32
C THR A 250 -12.68 22.63 -2.20
N ALA A 251 -11.87 23.52 -1.63
CA ALA A 251 -10.90 24.26 -2.42
C ALA A 251 -9.87 23.30 -3.01
N GLY A 252 -9.24 23.74 -4.10
CA GLY A 252 -8.31 22.90 -4.82
C GLY A 252 -8.95 21.84 -5.68
N LEU A 253 -10.25 21.61 -5.54
CA LEU A 253 -10.95 20.66 -6.40
C LEU A 253 -11.41 21.36 -7.66
N SER A 254 -11.31 20.64 -8.78
CA SER A 254 -11.75 21.20 -10.06
C SER A 254 -13.25 21.44 -10.04
N SER A 255 -13.68 22.47 -10.77
CA SER A 255 -15.11 22.76 -10.88
C SER A 255 -15.86 21.57 -11.47
N GLU A 256 -15.21 20.79 -12.33
CA GLU A 256 -15.83 19.59 -12.86
C GLU A 256 -16.07 18.57 -11.75
N LEU A 257 -15.15 18.47 -10.79
CA LEU A 257 -15.33 17.52 -9.70
C LEU A 257 -16.36 18.00 -8.70
N ARG A 258 -16.39 19.30 -8.41
CA ARG A 258 -17.35 19.83 -7.44
C ARG A 258 -18.77 19.65 -7.92
N SER A 259 -19.02 19.92 -9.20
CA SER A 259 -20.38 19.77 -9.74
C SER A 259 -20.84 18.33 -9.65
N VAL A 260 -19.95 17.38 -9.93
CA VAL A 260 -20.30 15.97 -9.78
C VAL A 260 -20.54 15.63 -8.31
N LEU A 261 -19.75 16.21 -7.41
CA LEU A 261 -19.95 15.96 -5.99
C LEU A 261 -21.29 16.50 -5.51
N VAL A 262 -21.66 17.71 -5.95
CA VAL A 262 -22.94 18.27 -5.53
C VAL A 262 -24.09 17.41 -6.01
N MET A 263 -23.95 16.81 -7.20
CA MET A 263 -25.00 15.92 -7.70
C MET A 263 -25.13 14.67 -6.86
N MET A 264 -24.00 14.06 -6.49
CA MET A 264 -24.05 12.84 -5.69
C MET A 264 -24.51 13.13 -4.27
N LEU A 265 -24.22 14.31 -3.75
CA LEU A 265 -24.55 14.68 -2.38
C LEU A 265 -25.87 15.41 -2.25
N GLU A 266 -26.74 15.30 -3.25
CA GLU A 266 -28.07 15.90 -3.17
C GLU A 266 -28.83 15.28 -2.01
N PRO A 267 -29.31 16.07 -1.05
CA PRO A 267 -29.99 15.47 0.11
C PRO A 267 -31.23 14.68 -0.24
N ASP A 268 -32.07 15.19 -1.13
CA ASP A 268 -33.31 14.50 -1.48
C ASP A 268 -33.01 13.31 -2.40
N PRO A 269 -33.27 12.08 -1.97
CA PRO A 269 -32.94 10.93 -2.84
C PRO A 269 -33.74 10.90 -4.13
N LYS A 270 -34.93 11.49 -4.14
CA LYS A 270 -35.70 11.55 -5.38
C LYS A 270 -34.99 12.38 -6.44
N LEU A 271 -34.26 13.41 -6.02
CA LEU A 271 -33.56 14.31 -6.93
C LEU A 271 -32.10 13.92 -7.13
N ARG A 272 -31.62 12.90 -6.43
CA ARG A 272 -30.22 12.50 -6.53
C ARG A 272 -29.97 11.74 -7.82
N ALA A 273 -28.83 12.04 -8.46
CA ALA A 273 -28.47 11.34 -9.68
C ALA A 273 -28.21 9.87 -9.41
N THR A 274 -28.44 9.04 -10.43
CA THR A 274 -28.18 7.61 -10.33
C THR A 274 -26.79 7.30 -10.88
N ALA A 275 -26.35 6.06 -10.66
CA ALA A 275 -25.05 5.64 -11.17
C ALA A 275 -24.98 5.74 -12.68
N GLU A 276 -26.06 5.36 -13.37
CA GLU A 276 -26.07 5.45 -14.83
C GLU A 276 -26.07 6.91 -15.30
N ALA A 277 -26.80 7.78 -14.59
CA ALA A 277 -26.81 9.19 -14.98
C ALA A 277 -25.43 9.80 -14.89
N LEU A 278 -24.71 9.50 -13.80
CA LEU A 278 -23.35 10.02 -13.65
C LEU A 278 -22.42 9.48 -14.73
N LEU A 279 -22.45 8.17 -14.97
CA LEU A 279 -21.57 7.56 -15.97
C LEU A 279 -21.80 8.11 -17.36
N ALA A 280 -22.93 8.77 -17.60
CA ALA A 280 -23.19 9.40 -18.89
C ALA A 280 -22.76 10.85 -18.94
N LEU A 281 -22.17 11.37 -17.86
CA LEU A 281 -21.67 12.73 -17.88
C LEU A 281 -20.41 12.83 -18.73
N PRO A 282 -20.14 13.99 -19.32
CA PRO A 282 -18.93 14.12 -20.16
C PRO A 282 -17.63 13.91 -19.39
N VAL A 283 -17.59 14.26 -18.11
CA VAL A 283 -16.36 14.12 -17.33
C VAL A 283 -16.01 12.66 -17.06
N LEU A 284 -16.98 11.75 -17.17
CA LEU A 284 -16.78 10.33 -16.90
C LEU A 284 -16.80 9.51 -18.18
N ARG A 285 -16.17 10.02 -19.23
CA ARG A 285 -16.12 9.31 -20.51
C ARG A 285 -15.19 8.11 -20.41
N GLN A 286 -15.62 7.01 -21.03
CA GLN A 286 -14.86 5.75 -21.18
C GLN A 286 -13.68 5.56 -20.21
N ALA B 1 12.13 3.87 36.24
CA ALA B 1 11.53 3.86 34.91
C ALA B 1 12.57 4.09 33.83
N LEU B 2 12.59 3.22 32.82
CA LEU B 2 13.52 3.37 31.72
C LEU B 2 13.28 4.67 30.97
N GLN B 3 14.36 5.24 30.46
CA GLN B 3 14.29 6.51 29.74
C GLN B 3 14.97 6.37 28.39
N PRO B 4 14.53 7.14 27.40
CA PRO B 4 15.19 7.10 26.08
C PRO B 4 16.50 7.85 26.10
N ARG B 5 17.40 7.42 25.21
CA ARG B 5 18.69 8.07 25.02
C ARG B 5 18.79 8.52 23.58
N ARG B 6 18.94 9.83 23.38
CA ARG B 6 19.05 10.37 22.03
C ARG B 6 20.37 9.95 21.39
N VAL B 7 20.28 9.37 20.19
CA VAL B 7 21.46 9.03 19.40
C VAL B 7 21.75 10.26 18.55
N SER B 8 22.60 11.14 19.09
CA SER B 8 22.84 12.44 18.48
C SER B 8 23.56 12.29 17.14
N PHE B 9 23.32 13.26 16.26
CA PHE B 9 23.93 13.30 14.93
C PHE B 9 23.78 14.72 14.39
N ARG B 10 24.79 15.16 13.64
CA ARG B 10 24.73 16.47 13.01
C ARG B 10 23.53 16.54 12.06
N GLY B 11 22.68 17.53 12.27
CA GLY B 11 21.50 17.69 11.46
C GLY B 11 20.20 17.22 12.09
N GLU B 12 20.21 16.89 13.37
CA GLU B 12 18.97 16.47 14.04
C GLU B 12 18.06 17.68 14.26
N ALA B 13 16.76 17.42 14.30
CA ALA B 13 15.78 18.49 14.36
C ALA B 13 15.68 19.11 15.74
N SER B 14 16.00 18.37 16.79
CA SER B 14 15.86 18.88 18.16
C SER B 14 17.08 18.51 18.97
N GLU B 15 17.64 19.51 19.67
CA GLU B 15 18.79 19.28 20.53
C GLU B 15 18.41 18.49 21.78
N THR B 16 17.15 18.58 22.19
CA THR B 16 16.65 17.88 23.37
C THR B 16 15.61 16.87 22.95
N LEU B 17 15.72 15.65 23.49
CA LEU B 17 14.69 14.64 23.30
C LEU B 17 13.59 14.91 24.32
N GLN B 18 12.51 15.55 23.88
CA GLN B 18 11.43 15.94 24.77
C GLN B 18 10.12 15.91 23.99
N SER B 19 9.02 15.98 24.74
CA SER B 19 7.69 15.96 24.18
C SER B 19 6.66 16.40 25.21
N PRO B 20 5.57 17.04 24.79
CA PRO B 20 4.50 17.36 25.75
C PRO B 20 3.77 16.13 26.25
N GLY B 21 3.84 15.01 25.54
CA GLY B 21 3.14 13.80 25.93
C GLY B 21 3.97 12.86 26.76
N TYR B 22 5.29 13.03 26.76
CA TYR B 22 6.17 12.11 27.46
C TYR B 22 6.23 12.44 28.94
N ASP B 23 5.96 11.43 29.78
CA ASP B 23 6.09 11.54 31.23
C ASP B 23 7.12 10.51 31.68
N PRO B 24 8.27 10.93 32.23
CA PRO B 24 9.32 9.96 32.59
C PRO B 24 8.90 8.96 33.66
N SER B 25 7.73 9.13 34.28
CA SER B 25 7.28 8.21 35.31
C SER B 25 6.42 7.08 34.74
N ARG B 26 5.55 7.38 33.78
CA ARG B 26 4.67 6.36 33.23
C ARG B 26 5.50 5.27 32.54
N PRO B 27 5.07 4.00 32.63
CA PRO B 27 5.90 2.91 32.09
C PRO B 27 5.96 2.88 30.57
N GLU B 28 5.07 3.58 29.88
CA GLU B 28 5.09 3.58 28.43
C GLU B 28 6.40 4.16 27.90
N SER B 29 6.79 3.70 26.71
CA SER B 29 8.02 4.18 26.10
C SER B 29 7.85 5.62 25.60
N PHE B 30 9.00 6.25 25.32
CA PHE B 30 8.96 7.58 24.71
C PHE B 30 8.23 7.56 23.39
N PHE B 31 8.33 6.46 22.65
CA PHE B 31 7.64 6.35 21.36
C PHE B 31 6.13 6.37 21.54
N GLN B 32 5.62 5.68 22.56
CA GLN B 32 4.19 5.57 22.74
C GLN B 32 3.59 6.84 23.35
N GLN B 33 4.34 7.55 24.19
CA GLN B 33 3.81 8.74 24.84
C GLN B 33 3.94 9.99 23.99
N SER B 34 4.82 10.00 22.99
CA SER B 34 5.16 11.22 22.26
C SER B 34 4.65 11.26 20.83
N PHE B 35 3.98 10.21 20.36
CA PHE B 35 3.55 10.15 18.97
C PHE B 35 2.13 9.62 18.87
N GLN B 36 1.37 10.16 17.92
CA GLN B 36 0.05 9.64 17.58
C GLN B 36 0.23 8.59 16.49
N ARG B 37 0.08 7.32 16.86
CA ARG B 37 0.25 6.24 15.88
C ARG B 37 -0.95 6.19 14.95
N LEU B 38 -0.72 6.42 13.66
CA LEU B 38 -1.79 6.45 12.68
C LEU B 38 -2.00 5.09 12.01
N SER B 39 -0.94 4.53 11.42
CA SER B 39 -1.02 3.24 10.76
C SER B 39 0.40 2.71 10.58
N ARG B 40 0.48 1.47 10.13
CA ARG B 40 1.76 0.83 9.86
C ARG B 40 2.10 0.95 8.38
N LEU B 41 3.37 1.18 8.09
CA LEU B 41 3.85 1.35 6.72
C LEU B 41 4.55 0.12 6.17
N GLY B 42 5.35 -0.55 7.00
CA GLY B 42 6.00 -1.76 6.57
C GLY B 42 6.57 -2.50 7.77
N HIS B 43 6.82 -3.78 7.56
CA HIS B 43 7.36 -4.63 8.61
C HIS B 43 8.28 -5.68 8.00
N GLY B 44 9.07 -6.30 8.87
CA GLY B 44 10.02 -7.31 8.43
C GLY B 44 10.92 -7.72 9.57
N SER B 45 12.07 -8.28 9.21
CA SER B 45 13.07 -8.64 10.21
C SER B 45 13.80 -7.43 10.76
N TYR B 46 13.87 -6.33 10.01
CA TYR B 46 14.45 -5.10 10.52
C TYR B 46 13.63 -4.51 11.65
N GLY B 47 12.32 -4.76 11.64
CA GLY B 47 11.42 -4.21 12.64
C GLY B 47 10.11 -3.74 12.04
N GLU B 48 9.61 -2.60 12.51
CA GLU B 48 8.35 -2.06 12.03
C GLU B 48 8.51 -0.58 11.70
N VAL B 49 7.76 -0.12 10.71
CA VAL B 49 7.74 1.28 10.32
C VAL B 49 6.31 1.77 10.43
N PHE B 50 6.10 2.78 11.27
CA PHE B 50 4.77 3.32 11.52
C PHE B 50 4.65 4.73 10.97
N LYS B 51 3.43 5.08 10.58
CA LYS B 51 3.07 6.46 10.27
C LYS B 51 2.55 7.11 11.54
N VAL B 52 3.12 8.26 11.91
CA VAL B 52 2.81 8.89 13.18
C VAL B 52 2.66 10.39 12.98
N ARG B 53 2.09 11.05 14.00
N ARG B 53 2.05 11.05 13.97
CA ARG B 53 2.04 12.50 14.08
CA ARG B 53 2.06 12.50 14.07
C ARG B 53 2.69 12.93 15.39
C ARG B 53 2.73 12.89 15.38
N SER B 54 3.73 13.77 15.29
CA SER B 54 4.50 14.16 16.46
C SER B 54 3.71 15.16 17.31
N LYS B 55 3.55 14.84 18.59
CA LYS B 55 2.89 15.77 19.51
C LYS B 55 3.75 16.99 19.79
N GLU B 56 5.06 16.94 19.50
CA GLU B 56 5.91 18.10 19.71
C GLU B 56 5.59 19.22 18.74
N ASP B 57 5.24 18.88 17.48
CA ASP B 57 4.95 19.89 16.48
C ASP B 57 3.73 19.62 15.63
N GLY B 58 3.00 18.52 15.85
CA GLY B 58 1.79 18.25 15.12
C GLY B 58 1.98 17.81 13.68
N ARG B 59 3.21 17.52 13.25
CA ARG B 59 3.49 17.17 11.88
C ARG B 59 3.57 15.66 11.69
N LEU B 60 3.54 15.23 10.44
CA LEU B 60 3.53 13.81 10.10
C LEU B 60 4.96 13.29 9.92
N TYR B 61 5.24 12.13 10.50
CA TYR B 61 6.55 11.52 10.41
C TYR B 61 6.41 10.02 10.24
N ALA B 62 7.50 9.38 9.84
CA ALA B 62 7.62 7.93 9.85
C ALA B 62 8.66 7.55 10.88
N VAL B 63 8.37 6.50 11.65
CA VAL B 63 9.26 6.05 12.71
C VAL B 63 9.53 4.57 12.53
N LYS B 64 10.80 4.20 12.45
CA LYS B 64 11.20 2.80 12.34
C LYS B 64 11.71 2.30 13.68
N ARG B 65 11.28 1.10 14.07
CA ARG B 65 11.62 0.51 15.36
C ARG B 65 12.23 -0.86 15.14
N SER B 66 13.42 -1.08 15.71
CA SER B 66 14.04 -2.39 15.60
C SER B 66 13.20 -3.44 16.33
N MET B 67 13.26 -4.67 15.84
CA MET B 67 12.38 -5.72 16.35
C MET B 67 12.76 -6.12 17.77
N SER B 68 13.92 -6.73 17.93
CA SER B 68 14.38 -7.25 19.21
C SER B 68 15.47 -6.37 19.80
N PRO B 69 15.66 -6.40 21.12
CA PRO B 69 16.72 -5.60 21.74
C PRO B 69 18.10 -6.00 21.24
N PHE B 70 19.06 -5.15 21.55
CA PHE B 70 20.43 -5.37 21.08
C PHE B 70 20.99 -6.67 21.65
N ARG B 71 21.49 -7.53 20.75
CA ARG B 71 22.08 -8.78 21.20
C ARG B 71 23.45 -8.55 21.83
N GLY B 72 24.15 -7.50 21.42
CA GLY B 72 25.47 -7.22 21.95
C GLY B 72 26.00 -5.90 21.45
N PRO B 73 27.26 -5.60 21.80
CA PRO B 73 27.88 -4.36 21.31
C PRO B 73 27.97 -4.27 19.80
N LYS B 74 28.44 -5.34 19.14
CA LYS B 74 28.50 -5.34 17.68
C LYS B 74 27.11 -5.18 17.09
N ASP B 75 26.12 -5.88 17.65
CA ASP B 75 24.74 -5.74 17.17
C ASP B 75 24.24 -4.31 17.35
N ARG B 76 24.58 -3.69 18.49
CA ARG B 76 24.18 -2.31 18.71
C ARG B 76 24.91 -1.36 17.76
N ALA B 77 26.22 -1.56 17.59
CA ALA B 77 26.98 -0.68 16.71
C ALA B 77 26.52 -0.83 15.27
N ARG B 78 26.08 -2.03 14.88
CA ARG B 78 25.62 -2.24 13.51
C ARG B 78 24.30 -1.51 13.25
N LYS B 79 23.34 -1.63 14.18
CA LYS B 79 22.08 -0.93 14.01
C LYS B 79 22.26 0.58 14.09
N LEU B 80 23.12 1.06 15.00
CA LEU B 80 23.35 2.49 15.13
C LEU B 80 24.07 3.08 13.93
N ALA B 81 24.76 2.25 13.14
CA ALA B 81 25.50 2.78 11.99
C ALA B 81 24.59 3.45 10.99
N GLU B 82 23.32 3.05 10.95
CA GLU B 82 22.37 3.70 10.04
C GLU B 82 22.15 5.16 10.43
N VAL B 83 22.24 5.46 11.73
CA VAL B 83 22.13 6.86 12.16
C VAL B 83 23.31 7.67 11.66
N GLY B 84 24.53 7.09 11.78
CA GLY B 84 25.70 7.79 11.27
C GLY B 84 25.69 7.94 9.77
N SER B 85 25.06 7.00 9.05
CA SER B 85 24.99 7.10 7.61
C SER B 85 24.08 8.24 7.17
N HIS B 86 22.94 8.42 7.84
CA HIS B 86 22.10 9.59 7.57
C HIS B 86 22.84 10.88 7.86
N GLU B 87 23.69 10.87 8.90
CA GLU B 87 24.46 12.05 9.24
C GLU B 87 25.45 12.41 8.14
N LYS B 88 26.05 11.40 7.50
CA LYS B 88 27.03 11.67 6.45
C LYS B 88 26.36 12.13 5.16
N VAL B 89 25.13 11.68 4.91
CA VAL B 89 24.44 12.06 3.67
C VAL B 89 23.98 13.51 3.75
N GLY B 90 23.38 13.90 4.87
CA GLY B 90 22.92 15.26 5.01
C GLY B 90 21.54 15.46 4.40
N GLN B 91 21.26 16.71 4.08
CA GLN B 91 19.96 17.11 3.54
C GLN B 91 20.07 17.32 2.03
N HIS B 92 19.40 16.47 1.27
CA HIS B 92 19.27 16.60 -0.17
C HIS B 92 17.81 16.38 -0.54
N PRO B 93 17.27 17.11 -1.52
CA PRO B 93 15.85 16.98 -1.85
C PRO B 93 15.42 15.59 -2.29
N CYS B 94 16.36 14.68 -2.58
CA CYS B 94 16.01 13.35 -3.07
C CYS B 94 16.46 12.24 -2.13
N CYS B 95 16.70 12.56 -0.86
CA CYS B 95 17.12 11.58 0.13
C CYS B 95 16.22 11.70 1.34
N VAL B 96 15.83 10.54 1.91
CA VAL B 96 14.96 10.53 3.06
C VAL B 96 15.67 11.21 4.23
N ARG B 97 15.06 12.27 4.76
CA ARG B 97 15.68 13.06 5.81
C ARG B 97 15.39 12.46 7.18
N LEU B 98 16.45 12.24 7.96
CA LEU B 98 16.32 11.77 9.34
C LEU B 98 16.14 12.97 10.26
N GLU B 99 15.07 12.95 11.04
CA GLU B 99 14.79 14.03 11.99
C GLU B 99 15.43 13.77 13.35
N GLN B 100 15.04 12.68 14.00
N GLN B 100 15.02 12.70 14.02
CA GLN B 100 15.51 12.34 15.34
CA GLN B 100 15.54 12.34 15.33
C GLN B 100 15.79 10.84 15.40
C GLN B 100 15.86 10.85 15.35
N ALA B 101 16.64 10.45 16.34
CA ALA B 101 16.96 9.04 16.54
C ALA B 101 17.26 8.85 18.01
N TRP B 102 16.74 7.79 18.59
CA TRP B 102 16.94 7.52 20.01
C TRP B 102 16.88 6.02 20.24
N GLU B 103 17.22 5.62 21.46
CA GLU B 103 17.20 4.22 21.85
C GLU B 103 16.59 4.11 23.24
N GLU B 104 15.74 3.09 23.42
CA GLU B 104 15.14 2.84 24.72
C GLU B 104 14.86 1.34 24.82
N GLY B 105 15.26 0.74 25.94
CA GLY B 105 15.05 -0.69 26.13
C GLY B 105 15.76 -1.54 25.10
N GLY B 106 16.94 -1.10 24.64
CA GLY B 106 17.67 -1.84 23.63
C GLY B 106 17.08 -1.76 22.24
N ILE B 107 16.06 -0.94 22.05
CA ILE B 107 15.39 -0.79 20.77
C ILE B 107 15.80 0.55 20.16
N LEU B 108 16.17 0.53 18.89
CA LEU B 108 16.56 1.74 18.17
C LEU B 108 15.36 2.28 17.41
N TYR B 109 15.10 3.59 17.56
CA TYR B 109 14.02 4.27 16.87
C TYR B 109 14.60 5.33 15.95
N LEU B 110 14.11 5.37 14.71
CA LEU B 110 14.57 6.35 13.71
C LEU B 110 13.35 7.12 13.21
N GLN B 111 13.31 8.41 13.50
CA GLN B 111 12.21 9.27 13.09
C GLN B 111 12.64 10.05 11.86
N THR B 112 12.01 9.76 10.72
CA THR B 112 12.31 10.41 9.46
C THR B 112 11.09 11.16 8.94
N GLU B 113 11.31 11.92 7.87
CA GLU B 113 10.19 12.57 7.19
C GLU B 113 9.27 11.50 6.60
N LEU B 114 7.99 11.85 6.50
CA LEU B 114 7.01 10.92 5.95
C LEU B 114 7.05 10.99 4.43
N CYS B 115 7.45 9.90 3.80
CA CYS B 115 7.38 9.75 2.36
C CYS B 115 6.18 8.88 1.99
N GLY B 116 5.92 8.75 0.70
CA GLY B 116 4.82 7.93 0.25
C GLY B 116 5.17 6.45 0.28
N PRO B 117 4.46 5.65 -0.51
CA PRO B 117 4.77 4.22 -0.59
C PRO B 117 6.08 3.97 -1.30
N SER B 118 6.64 2.79 -1.07
CA SER B 118 7.87 2.43 -1.75
C SER B 118 7.59 2.13 -3.21
N LEU B 119 8.65 2.18 -4.02
CA LEU B 119 8.52 1.83 -5.43
C LEU B 119 8.13 0.37 -5.60
N GLN B 120 8.51 -0.50 -4.66
CA GLN B 120 8.10 -1.88 -4.71
C GLN B 120 6.59 -2.03 -4.53
N GLN B 121 6.03 -1.30 -3.56
CA GLN B 121 4.58 -1.37 -3.33
C GLN B 121 3.81 -0.77 -4.50
N HIS B 122 4.31 0.32 -5.07
CA HIS B 122 3.63 0.93 -6.20
C HIS B 122 3.60 0.01 -7.40
N CYS B 123 4.69 -0.74 -7.64
CA CYS B 123 4.69 -1.68 -8.76
C CYS B 123 3.82 -2.88 -8.48
N GLU B 124 3.88 -3.39 -7.24
CA GLU B 124 3.00 -4.49 -6.86
C GLU B 124 1.54 -4.11 -7.05
N ALA B 125 1.17 -2.88 -6.70
CA ALA B 125 -0.20 -2.44 -6.90
C ALA B 125 -0.50 -2.16 -8.37
N TRP B 126 0.49 -1.68 -9.12
CA TRP B 126 0.27 -1.44 -10.54
C TRP B 126 0.07 -2.74 -11.31
N GLY B 127 0.69 -3.82 -10.85
CA GLY B 127 0.44 -5.13 -11.43
C GLY B 127 0.83 -5.25 -12.88
N ALA B 128 1.79 -4.44 -13.33
CA ALA B 128 2.23 -4.45 -14.72
C ALA B 128 3.49 -3.60 -14.82
N SER B 129 3.99 -3.46 -16.04
CA SER B 129 5.12 -2.58 -16.29
C SER B 129 4.70 -1.14 -16.05
N LEU B 130 5.51 -0.40 -15.31
CA LEU B 130 5.20 1.00 -15.08
C LEU B 130 5.27 1.79 -16.38
N PRO B 131 4.38 2.75 -16.60
CA PRO B 131 4.51 3.62 -17.77
C PRO B 131 5.86 4.30 -17.80
N GLU B 132 6.46 4.37 -18.99
CA GLU B 132 7.84 4.82 -19.09
C GLU B 132 8.00 6.26 -18.61
N ALA B 133 6.97 7.08 -18.73
CA ALA B 133 7.06 8.46 -18.25
C ALA B 133 7.35 8.50 -16.75
N GLN B 134 6.72 7.62 -15.98
CA GLN B 134 7.01 7.55 -14.56
C GLN B 134 8.45 7.10 -14.32
N VAL B 135 8.94 6.18 -15.15
CA VAL B 135 10.26 5.60 -14.92
C VAL B 135 11.35 6.66 -15.03
N TRP B 136 11.21 7.58 -15.99
CA TRP B 136 12.21 8.62 -16.16
C TRP B 136 12.29 9.53 -14.94
N GLY B 137 11.13 9.85 -14.35
CA GLY B 137 11.14 10.69 -13.16
C GLY B 137 11.80 10.00 -11.99
N TYR B 138 11.49 8.72 -11.79
CA TYR B 138 12.10 7.98 -10.69
C TYR B 138 13.58 7.73 -10.96
N LEU B 139 13.94 7.51 -12.23
CA LEU B 139 15.34 7.31 -12.56
C LEU B 139 16.15 8.58 -12.31
N ARG B 140 15.63 9.74 -12.73
CA ARG B 140 16.37 10.98 -12.58
C ARG B 140 16.55 11.33 -11.11
N ASP B 141 15.47 11.31 -10.34
CA ASP B 141 15.54 11.73 -8.93
C ASP B 141 16.44 10.79 -8.13
N THR B 142 16.38 9.49 -8.42
CA THR B 142 17.29 8.57 -7.74
C THR B 142 18.74 8.80 -8.17
N LEU B 143 18.97 9.18 -9.43
CA LEU B 143 20.31 9.53 -9.86
C LEU B 143 20.80 10.79 -9.15
N LEU B 144 19.89 11.75 -8.93
CA LEU B 144 20.27 12.95 -8.18
C LEU B 144 20.68 12.60 -6.75
N ALA B 145 20.00 11.62 -6.15
CA ALA B 145 20.39 11.17 -4.82
C ALA B 145 21.73 10.44 -4.85
N LEU B 146 21.91 9.53 -5.81
CA LEU B 146 23.18 8.82 -5.92
C LEU B 146 24.32 9.79 -6.22
N ALA B 147 24.07 10.80 -7.07
CA ALA B 147 25.10 11.80 -7.32
C ALA B 147 25.45 12.55 -6.04
N HIS B 148 24.48 12.74 -5.15
CA HIS B 148 24.78 13.39 -3.87
C HIS B 148 25.57 12.48 -2.96
N LEU B 149 25.21 11.20 -2.91
CA LEU B 149 25.96 10.26 -2.07
C LEU B 149 27.37 10.04 -2.60
N HIS B 150 27.50 9.86 -3.92
CA HIS B 150 28.80 9.52 -4.49
C HIS B 150 29.76 10.71 -4.46
N SER B 151 29.26 11.94 -4.56
CA SER B 151 30.12 13.10 -4.46
C SER B 151 30.72 13.26 -3.07
N GLN B 152 30.28 12.47 -2.10
CA GLN B 152 30.83 12.47 -0.76
C GLN B 152 31.57 11.17 -0.44
N GLY B 153 31.81 10.33 -1.44
CA GLY B 153 32.50 9.08 -1.20
C GLY B 153 31.68 8.05 -0.48
N LEU B 154 30.36 8.11 -0.63
CA LEU B 154 29.45 7.18 0.01
C LEU B 154 28.86 6.24 -1.03
N VAL B 155 28.68 4.98 -0.64
CA VAL B 155 28.07 3.96 -1.50
C VAL B 155 26.84 3.44 -0.76
N HIS B 156 25.68 3.50 -1.43
CA HIS B 156 24.44 3.08 -0.79
C HIS B 156 24.43 1.57 -0.57
N LEU B 157 24.82 0.80 -1.59
CA LEU B 157 24.95 -0.66 -1.55
C LEU B 157 23.63 -1.39 -1.36
N ASP B 158 22.50 -0.70 -1.46
CA ASP B 158 21.21 -1.37 -1.37
C ASP B 158 20.16 -0.54 -2.10
N VAL B 159 20.46 -0.17 -3.34
CA VAL B 159 19.51 0.56 -4.18
C VAL B 159 18.58 -0.45 -4.84
N LYS B 160 17.33 -0.48 -4.40
CA LYS B 160 16.34 -1.41 -4.91
C LYS B 160 14.96 -0.80 -4.71
N PRO B 161 13.94 -1.32 -5.39
CA PRO B 161 12.61 -0.68 -5.28
C PRO B 161 12.08 -0.60 -3.86
N ALA B 162 12.52 -1.49 -2.97
CA ALA B 162 12.05 -1.42 -1.59
C ALA B 162 12.65 -0.22 -0.84
N ASN B 163 13.74 0.36 -1.36
CA ASN B 163 14.40 1.47 -0.69
C ASN B 163 14.23 2.79 -1.45
N ILE B 164 13.32 2.84 -2.42
CA ILE B 164 12.96 4.07 -3.10
C ILE B 164 11.51 4.39 -2.75
N PHE B 165 11.26 5.61 -2.30
CA PHE B 165 9.97 5.99 -1.75
C PHE B 165 9.40 7.17 -2.53
N LEU B 166 8.18 7.00 -3.02
CA LEU B 166 7.59 7.96 -3.95
C LEU B 166 7.07 9.18 -3.21
N GLY B 167 7.09 10.31 -3.90
CA GLY B 167 6.57 11.55 -3.35
C GLY B 167 5.52 12.14 -4.26
N PRO B 168 5.11 13.37 -3.97
CA PRO B 168 4.10 14.03 -4.81
C PRO B 168 4.69 14.45 -6.15
N ARG B 169 3.83 14.46 -7.17
CA ARG B 169 4.18 14.94 -8.51
C ARG B 169 5.32 14.13 -9.12
N GLY B 170 5.24 12.81 -8.98
CA GLY B 170 6.19 11.92 -9.64
C GLY B 170 7.60 11.95 -9.10
N ARG B 171 7.84 12.61 -7.96
CA ARG B 171 9.15 12.60 -7.34
C ARG B 171 9.32 11.37 -6.47
N CYS B 172 10.57 11.08 -6.12
CA CYS B 172 10.87 9.99 -5.21
C CYS B 172 12.17 10.31 -4.47
N LYS B 173 12.47 9.51 -3.46
CA LYS B 173 13.62 9.74 -2.61
C LYS B 173 14.28 8.41 -2.29
N LEU B 174 15.61 8.37 -2.39
CA LEU B 174 16.36 7.19 -2.00
C LEU B 174 16.43 7.11 -0.49
N GLY B 175 16.26 5.91 0.05
CA GLY B 175 16.28 5.75 1.48
C GLY B 175 16.95 4.47 1.95
N ASP B 176 16.73 4.13 3.23
CA ASP B 176 17.31 2.96 3.87
C ASP B 176 18.83 2.94 3.72
N PHE B 177 19.51 3.73 4.56
CA PHE B 177 20.96 3.83 4.54
C PHE B 177 21.63 2.85 5.49
N GLY B 178 20.99 1.71 5.76
CA GLY B 178 21.55 0.75 6.70
C GLY B 178 22.80 0.07 6.20
N LEU B 179 22.90 -0.14 4.89
CA LEU B 179 24.08 -0.76 4.28
C LEU B 179 25.08 0.26 3.75
N LEU B 180 24.82 1.56 3.94
CA LEU B 180 25.69 2.58 3.37
C LEU B 180 27.06 2.54 4.04
N VAL B 181 28.11 2.65 3.23
CA VAL B 181 29.48 2.70 3.73
C VAL B 181 30.17 3.93 3.17
N GLU B 182 31.17 4.41 3.88
CA GLU B 182 31.99 5.53 3.43
C GLU B 182 33.33 4.98 2.94
N LEU B 183 33.69 5.36 1.72
CA LEU B 183 34.93 4.87 1.13
C LEU B 183 36.12 5.49 1.86
N GLY B 184 36.71 4.73 2.76
CA GLY B 184 37.86 5.20 3.52
C GLY B 184 38.80 4.07 3.85
N THR B 185 40.09 4.29 3.62
CA THR B 185 41.11 3.26 3.84
C THR B 185 41.18 2.85 5.30
N GLU B 190 33.75 -3.59 6.98
CA GLU B 190 32.65 -2.69 7.34
C GLU B 190 31.45 -2.84 6.41
N VAL B 191 31.68 -3.44 5.26
CA VAL B 191 30.61 -3.69 4.29
C VAL B 191 29.85 -4.94 4.70
N GLN B 192 28.54 -4.93 4.51
CA GLN B 192 27.67 -6.04 4.87
C GLN B 192 27.08 -6.68 3.63
N GLU B 193 26.46 -7.85 3.84
CA GLU B 193 25.88 -8.61 2.73
C GLU B 193 24.73 -7.84 2.10
N GLY B 194 24.82 -7.62 0.79
CA GLY B 194 23.75 -6.96 0.06
C GLY B 194 22.77 -7.95 -0.55
N ASP B 195 21.78 -7.40 -1.24
CA ASP B 195 20.81 -8.23 -1.94
C ASP B 195 21.43 -8.77 -3.21
N PRO B 196 21.53 -10.09 -3.38
CA PRO B 196 22.20 -10.63 -4.58
C PRO B 196 21.47 -10.33 -5.87
N ARG B 197 20.15 -10.10 -5.82
CA ARG B 197 19.42 -9.78 -7.05
C ARG B 197 19.91 -8.48 -7.67
N TYR B 198 20.28 -7.51 -6.84
CA TYR B 198 20.67 -6.19 -7.33
C TYR B 198 22.17 -5.96 -7.23
N MET B 199 22.95 -7.03 -7.05
CA MET B 199 24.37 -6.90 -6.81
C MET B 199 25.12 -6.69 -8.12
N ALA B 200 26.03 -5.71 -8.12
CA ALA B 200 26.92 -5.52 -9.25
C ALA B 200 27.91 -6.67 -9.31
N PRO B 201 28.37 -7.04 -10.52
CA PRO B 201 29.25 -8.21 -10.62
C PRO B 201 30.59 -8.05 -9.91
N GLU B 202 31.13 -6.83 -9.87
CA GLU B 202 32.45 -6.64 -9.27
C GLU B 202 32.42 -6.74 -7.75
N LEU B 203 31.22 -6.69 -7.15
CA LEU B 203 31.13 -6.83 -5.70
C LEU B 203 31.58 -8.21 -5.26
N LEU B 204 31.27 -9.25 -6.06
CA LEU B 204 31.75 -10.59 -5.74
C LEU B 204 33.26 -10.65 -5.78
N GLN B 205 33.88 -9.83 -6.62
CA GLN B 205 35.34 -9.77 -6.74
C GLN B 205 35.97 -8.82 -5.72
N GLY B 206 35.22 -8.42 -4.69
CA GLY B 206 35.77 -7.56 -3.66
C GLY B 206 36.05 -6.15 -4.10
N SER B 207 35.45 -5.69 -5.20
CA SER B 207 35.66 -4.34 -5.70
C SER B 207 34.43 -3.51 -5.32
N TYR B 208 34.59 -2.67 -4.30
CA TYR B 208 33.50 -1.86 -3.77
C TYR B 208 33.74 -0.40 -4.16
N GLY B 209 32.78 0.18 -4.88
CA GLY B 209 32.91 1.57 -5.29
C GLY B 209 31.55 2.14 -5.59
N THR B 210 31.55 3.44 -5.95
CA THR B 210 30.30 4.11 -6.27
C THR B 210 29.62 3.49 -7.48
N ALA B 211 30.39 2.84 -8.36
CA ALA B 211 29.82 2.20 -9.53
C ALA B 211 28.85 1.09 -9.17
N ALA B 212 28.97 0.52 -7.97
CA ALA B 212 28.07 -0.56 -7.58
C ALA B 212 26.62 -0.08 -7.47
N ASP B 213 26.40 1.17 -7.09
CA ASP B 213 25.05 1.68 -6.94
C ASP B 213 24.40 1.94 -8.31
N VAL B 214 25.17 2.45 -9.27
CA VAL B 214 24.64 2.70 -10.60
C VAL B 214 24.15 1.39 -11.24
N PHE B 215 24.86 0.29 -11.00
CA PHE B 215 24.42 -0.99 -11.53
C PHE B 215 23.13 -1.45 -10.87
N SER B 216 23.07 -1.34 -9.54
CA SER B 216 21.85 -1.73 -8.83
C SER B 216 20.66 -0.91 -9.29
N LEU B 217 20.88 0.37 -9.61
CA LEU B 217 19.79 1.18 -10.13
C LEU B 217 19.38 0.74 -11.54
N GLY B 218 20.32 0.20 -12.31
CA GLY B 218 19.97 -0.28 -13.64
C GLY B 218 19.04 -1.49 -13.58
N LEU B 219 19.32 -2.43 -12.69
CA LEU B 219 18.41 -3.56 -12.49
C LEU B 219 17.10 -3.13 -11.84
N THR B 220 17.16 -2.13 -10.95
CA THR B 220 15.93 -1.58 -10.37
C THR B 220 15.01 -1.05 -11.46
N ILE B 221 15.55 -0.23 -12.36
CA ILE B 221 14.75 0.29 -13.47
C ILE B 221 14.31 -0.83 -14.38
N LEU B 222 15.21 -1.77 -14.67
CA LEU B 222 14.85 -2.89 -15.54
C LEU B 222 13.78 -3.77 -14.91
N GLU B 223 13.74 -3.84 -13.57
CA GLU B 223 12.72 -4.65 -12.91
C GLU B 223 11.34 -4.01 -13.01
N VAL B 224 11.26 -2.69 -12.80
CA VAL B 224 9.97 -2.01 -12.80
C VAL B 224 9.51 -1.58 -14.19
N ALA B 225 10.43 -1.39 -15.13
CA ALA B 225 10.04 -1.04 -16.48
C ALA B 225 9.57 -2.24 -17.29
N CYS B 226 9.93 -3.45 -16.89
CA CYS B 226 9.53 -4.66 -17.61
C CYS B 226 8.72 -5.62 -16.74
N ASN B 227 8.55 -5.31 -15.46
CA ASN B 227 7.78 -6.14 -14.53
C ASN B 227 8.33 -7.57 -14.50
N MET B 228 9.64 -7.69 -14.46
CA MET B 228 10.29 -8.98 -14.41
C MET B 228 10.92 -9.19 -13.04
N GLU B 229 11.05 -10.46 -12.65
CA GLU B 229 11.68 -10.82 -11.39
C GLU B 229 13.17 -11.03 -11.60
N LEU B 230 13.96 -10.58 -10.64
CA LEU B 230 15.41 -10.71 -10.76
C LEU B 230 15.88 -12.01 -10.10
N PRO B 231 16.74 -12.77 -10.76
CA PRO B 231 17.19 -14.05 -10.19
C PRO B 231 18.19 -13.84 -9.06
N HIS B 232 18.16 -14.78 -8.10
CA HIS B 232 19.10 -14.74 -6.99
C HIS B 232 20.46 -15.30 -7.38
N GLY B 233 20.52 -16.16 -8.38
CA GLY B 233 21.78 -16.77 -8.75
C GLY B 233 21.62 -17.59 -10.00
N GLY B 234 22.59 -18.46 -10.24
CA GLY B 234 22.50 -19.33 -11.38
C GLY B 234 22.73 -18.59 -12.70
N GLU B 235 22.31 -19.23 -13.78
CA GLU B 235 22.57 -18.69 -15.11
C GLU B 235 21.84 -17.38 -15.34
N GLY B 236 20.58 -17.30 -14.91
CA GLY B 236 19.82 -16.07 -15.08
C GLY B 236 20.51 -14.88 -14.44
N TRP B 237 21.17 -15.10 -13.31
CA TRP B 237 21.96 -14.04 -12.68
C TRP B 237 23.14 -13.64 -13.56
N GLN B 238 23.78 -14.61 -14.21
CA GLN B 238 24.93 -14.32 -15.05
C GLN B 238 24.53 -13.55 -16.30
N GLN B 239 23.45 -13.98 -16.96
CA GLN B 239 23.07 -13.36 -18.22
C GLN B 239 22.75 -11.87 -18.06
N LEU B 240 22.22 -11.47 -16.90
CA LEU B 240 21.98 -10.05 -16.64
C LEU B 240 23.26 -9.27 -16.39
N ARG B 241 24.42 -9.93 -16.38
CA ARG B 241 25.68 -9.26 -16.06
C ARG B 241 26.75 -9.58 -17.10
N GLN B 242 26.34 -9.72 -18.35
CA GLN B 242 27.27 -9.93 -19.46
C GLN B 242 27.44 -8.69 -20.32
N GLY B 243 26.69 -7.62 -20.04
CA GLY B 243 26.77 -6.41 -20.81
C GLY B 243 25.62 -6.19 -21.78
N TYR B 244 24.77 -7.20 -21.97
CA TYR B 244 23.63 -7.08 -22.87
C TYR B 244 22.32 -7.16 -22.08
N LEU B 245 21.28 -6.57 -22.67
CA LEU B 245 19.94 -6.67 -22.12
C LEU B 245 19.24 -7.89 -22.71
N PRO B 246 18.65 -8.75 -21.88
CA PRO B 246 17.87 -9.88 -22.42
C PRO B 246 16.75 -9.38 -23.31
N PRO B 247 16.78 -9.71 -24.60
CA PRO B 247 15.83 -9.11 -25.55
C PRO B 247 14.39 -9.53 -25.33
N GLU B 248 14.14 -10.53 -24.49
CA GLU B 248 12.78 -11.00 -24.27
C GLU B 248 11.93 -9.94 -23.57
N PHE B 249 12.35 -9.50 -22.38
CA PHE B 249 11.58 -8.56 -21.60
C PHE B 249 11.81 -7.10 -21.97
N THR B 250 12.93 -6.80 -22.65
CA THR B 250 13.26 -5.43 -23.03
C THR B 250 12.62 -5.00 -24.35
N ALA B 251 11.62 -5.74 -24.82
CA ALA B 251 11.03 -5.43 -26.12
C ALA B 251 10.30 -4.10 -26.10
N GLY B 252 9.39 -3.90 -25.15
CA GLY B 252 8.59 -2.69 -25.09
C GLY B 252 9.34 -1.45 -24.67
N LEU B 253 10.61 -1.57 -24.28
CA LEU B 253 11.37 -0.40 -23.87
C LEU B 253 11.73 0.45 -25.08
N SER B 254 11.66 1.77 -24.91
CA SER B 254 12.05 2.68 -25.98
C SER B 254 13.54 2.60 -26.26
N SER B 255 13.94 3.15 -27.40
CA SER B 255 15.35 3.15 -27.75
C SER B 255 16.18 3.95 -26.77
N GLU B 256 15.60 5.03 -26.21
CA GLU B 256 16.34 5.87 -25.28
C GLU B 256 16.56 5.16 -23.95
N LEU B 257 15.56 4.44 -23.46
CA LEU B 257 15.71 3.76 -22.18
C LEU B 257 16.68 2.58 -22.29
N ARG B 258 16.61 1.82 -23.38
CA ARG B 258 17.56 0.73 -23.56
C ARG B 258 18.98 1.24 -23.58
N SER B 259 19.22 2.37 -24.26
CA SER B 259 20.56 2.94 -24.32
C SER B 259 21.08 3.30 -22.94
N VAL B 260 20.20 3.78 -22.06
CA VAL B 260 20.63 4.17 -20.72
C VAL B 260 20.90 2.92 -19.87
N LEU B 261 20.06 1.89 -20.01
CA LEU B 261 20.27 0.68 -19.23
C LEU B 261 21.56 -0.04 -19.62
N VAL B 262 21.95 0.00 -20.89
CA VAL B 262 23.20 -0.62 -21.29
C VAL B 262 24.38 0.06 -20.61
N MET B 263 24.38 1.40 -20.57
CA MET B 263 25.45 2.11 -19.90
C MET B 263 25.51 1.77 -18.41
N MET B 264 24.36 1.66 -17.76
CA MET B 264 24.33 1.38 -16.34
C MET B 264 24.67 -0.07 -16.03
N LEU B 265 24.32 -1.01 -16.92
CA LEU B 265 24.57 -2.43 -16.70
C LEU B 265 25.90 -2.89 -17.29
N GLU B 266 26.81 -1.97 -17.57
CA GLU B 266 28.15 -2.33 -18.04
C GLU B 266 28.86 -3.15 -16.96
N PRO B 267 29.33 -4.36 -17.28
CA PRO B 267 29.90 -5.22 -16.23
C PRO B 267 31.19 -4.69 -15.64
N ASP B 268 31.98 -3.91 -16.38
CA ASP B 268 33.26 -3.44 -15.89
C ASP B 268 33.08 -2.10 -15.18
N PRO B 269 33.34 -2.01 -13.87
CA PRO B 269 33.15 -0.73 -13.18
C PRO B 269 34.06 0.37 -13.70
N LYS B 270 35.21 0.03 -14.27
CA LYS B 270 36.06 1.05 -14.88
C LYS B 270 35.36 1.71 -16.06
N LEU B 271 34.51 0.97 -16.76
CA LEU B 271 33.84 1.46 -17.96
C LEU B 271 32.41 1.89 -17.69
N ARG B 272 31.92 1.74 -16.47
CA ARG B 272 30.54 2.04 -16.16
C ARG B 272 30.34 3.55 -15.99
N ALA B 273 29.17 4.03 -16.42
CA ALA B 273 28.86 5.44 -16.28
C ALA B 273 28.55 5.79 -14.84
N THR B 274 28.78 7.05 -14.48
CA THR B 274 28.49 7.55 -13.16
C THR B 274 27.14 8.27 -13.15
N ALA B 275 26.63 8.52 -11.95
CA ALA B 275 25.35 9.22 -11.82
C ALA B 275 25.43 10.61 -12.42
N GLU B 276 26.53 11.33 -12.17
CA GLU B 276 26.68 12.66 -12.74
C GLU B 276 26.71 12.60 -14.27
N ALA B 277 27.33 11.56 -14.82
CA ALA B 277 27.40 11.42 -16.27
C ALA B 277 26.03 11.14 -16.86
N LEU B 278 25.27 10.24 -16.23
CA LEU B 278 23.93 9.93 -16.72
C LEU B 278 23.02 11.14 -16.65
N LEU B 279 23.08 11.90 -15.55
CA LEU B 279 22.27 13.11 -15.41
C LEU B 279 22.61 14.14 -16.48
N ALA B 280 23.78 14.04 -17.10
CA ALA B 280 24.18 14.95 -18.16
C ALA B 280 23.71 14.49 -19.54
N LEU B 281 23.17 13.28 -19.65
CA LEU B 281 22.67 12.79 -20.93
C LEU B 281 21.44 13.58 -21.35
N PRO B 282 21.17 13.65 -22.66
CA PRO B 282 20.04 14.47 -23.12
C PRO B 282 18.69 14.03 -22.56
N VAL B 283 18.49 12.72 -22.36
CA VAL B 283 17.18 12.23 -21.93
C VAL B 283 16.89 12.47 -20.45
N LEU B 284 17.86 12.96 -19.68
CA LEU B 284 17.72 13.11 -18.24
C LEU B 284 17.90 14.54 -17.75
N ARG B 285 18.06 15.51 -18.65
CA ARG B 285 18.20 16.89 -18.23
C ARG B 285 16.84 17.52 -17.98
N GLN B 286 16.79 18.42 -17.01
CA GLN B 286 15.58 19.19 -16.71
C GLN B 286 15.81 20.68 -16.91
C10 A1EJU C . -9.69 -9.04 -0.54
C11 A1EJU C . -8.44 -8.31 -0.65
C15 A1EJU C . -8.95 -7.36 1.54
C16 A1EJU C . -8.60 -6.43 2.53
C17 A1EJU C . -9.41 -6.29 3.64
C18 A1EJU C . -10.52 -7.10 3.72
C19 A1EJU C . -13.46 -8.11 -0.43
C24 A1EJU C . -7.04 -4.80 3.29
C1 A1EJU C . -11.77 -9.76 0.70
C14 A1EJU C . -10.09 -8.14 1.71
C2 A1EJU C . -13.00 -9.27 0.22
C3 A1EJU C . -14.15 -10.07 0.36
C4 A1EJU C . -14.05 -11.30 0.97
C5 A1EJU C . -12.85 -11.79 1.45
C6 A1EJU C . -11.71 -11.02 1.31
C9 A1EJU C . -10.49 -8.98 0.59
F22 A1EJU C . -15.16 -12.05 1.10
N12 A1EJU C . -8.15 -7.52 0.42
N13 A1EJU C . -10.87 -8.00 2.79
N20 A1EJU C . -14.75 -8.16 -0.67
N21 A1EJU C . -15.17 -9.36 -0.18
N7 A1EJU C . -10.01 -9.80 -1.61
O23 A1EJU C . -7.46 -5.72 2.28
O8 A1EJU C . -7.68 -8.37 -1.61
S SO4 D . -27.80 -26.67 -11.82
O1 SO4 D . -27.80 -25.77 -12.97
O2 SO4 D . -27.42 -28.00 -12.25
O3 SO4 D . -26.86 -26.19 -10.81
O4 SO4 D . -29.15 -26.71 -11.24
S SO4 E . -11.62 3.09 10.42
O1 SO4 E . -11.52 4.26 9.54
O2 SO4 E . -12.75 2.27 10.01
O3 SO4 E . -10.39 2.32 10.34
O4 SO4 E . -11.81 3.55 11.79
S SO4 F . -28.83 2.19 8.90
O1 SO4 F . -29.68 3.30 9.33
O2 SO4 F . -29.30 1.71 7.60
O3 SO4 F . -27.45 2.64 8.77
O4 SO4 F . -28.90 1.10 9.88
C10 A1EJU G . 9.72 6.21 5.48
C11 A1EJU G . 8.49 6.19 4.73
C15 A1EJU G . 8.72 3.77 4.69
C16 A1EJU G . 8.31 2.57 4.10
C17 A1EJU G . 8.98 1.40 4.40
C18 A1EJU G . 10.02 1.48 5.30
C19 A1EJU G . 13.40 5.26 4.79
C24 A1EJU G . 6.55 1.48 2.92
C1 A1EJU G . 11.63 5.09 6.71
C14 A1EJU G . 9.78 3.76 5.59
C2 A1EJU G . 12.89 5.18 6.10
C3 A1EJU G . 14.03 5.21 6.92
C4 A1EJU G . 13.88 5.16 8.30
C5 A1EJU G . 12.64 5.08 8.90
C6 A1EJU G . 11.52 5.04 8.10
C9 A1EJU G . 10.36 5.06 5.92
F22 A1EJU G . 14.99 5.19 9.07
N12 A1EJU G . 8.06 4.95 4.38
N13 A1EJU G . 10.43 2.62 5.88
N20 A1EJU G . 14.73 5.33 4.79
N21 A1EJU G . 15.11 5.29 6.10
N7 A1EJU G . 10.21 7.45 5.75
O23 A1EJU G . 7.26 2.67 3.23
O8 A1EJU G . 7.84 7.19 4.40
S SO4 H . 26.08 -19.13 -9.45
O1 SO4 H . 26.44 -18.48 -10.72
O2 SO4 H . 25.45 -20.41 -9.74
O3 SO4 H . 27.28 -19.34 -8.66
O4 SO4 H . 25.16 -18.26 -8.71
S SO4 I . 11.50 -8.84 -1.12
O1 SO4 I . 12.22 -7.57 -1.26
O2 SO4 I . 11.24 -9.40 -2.44
O3 SO4 I . 12.31 -9.78 -0.35
O4 SO4 I . 10.24 -8.60 -0.44
S SO4 J . 3.37 -6.04 -18.69
O1 SO4 J . 3.08 -4.69 -18.21
O2 SO4 J . 2.34 -6.42 -19.65
O3 SO4 J . 4.68 -6.07 -19.34
O4 SO4 J . 3.39 -6.98 -17.58
S SO4 K . 28.64 -8.65 -0.98
O1 SO4 K . 28.15 -7.27 -1.05
O2 SO4 K . 29.00 -9.13 -2.30
O3 SO4 K . 29.82 -8.72 -0.12
O4 SO4 K . 27.59 -9.50 -0.42
#